data_7QW5
#
_entry.id   7QW5
#
_cell.length_a   87.040
_cell.length_b   87.040
_cell.length_c   156.350
_cell.angle_alpha   90.000
_cell.angle_beta   90.000
_cell.angle_gamma   120.000
#
_symmetry.space_group_name_H-M   'P 61'
#
loop_
_entity.id
_entity.type
_entity.pdbx_description
1 polymer 'Modification methylase BseCI'
2 polymer 'Unmethylated DNA duplex'
3 polymer 'Unmethylated DNA duplex'
4 non-polymer S-ADENOSYL-L-HOMOCYSTEINE
5 water water
#
loop_
_entity_poly.entity_id
_entity_poly.type
_entity_poly.pdbx_seq_one_letter_code
_entity_poly.pdbx_strand_id
1 'polypeptide(L)'
;MMSVQKANTVSRQKATGAHFTPDKLAEVIAKRILDYFKGEKNRVIRVLDPACGDGELLLAINKVAQSMNIQLELIGVDFD
IDAINIANERLSRSGHKNFRLINKDFLEMVSEGDNYDLFNIEELEPVDIIIANPPYVRTQILGAEKAQKLREKFNLKGRV
DLYQAFLVAMTQQLKSNGIIGVITSNRYLTTKGGESTRKFLVSNFNILEIMDLGDSKFFEAAVLPAIFFGEKKNKEYQKE
NSNVPKFFKIYEQSDIEASSSVNSEFNSLIELLEVNKSGLYSVEDKTYSISLGKIISPENYKEPWILATEDEYEWFMKVN
QNAYGFIEDFAHVKVGIKTTADSVFIRSDWGELPEEQIPEDKLLRPIISADQANKWSVSLVGNNKKVLYTHEIRDGQIKA
INLEEFPRAKNYLESHKERLASRKYVLKANRNWYEIWVPHDPSLWDKPKIIFPDTSPEPKFFYEDKGSVVDGNCYWIIPK
KENSNDILFLIMGICNSKFMSKYHDIAFQNKLYAGRRRYLTQYVNKYPIPDPESIYSKEIISLVRELVNNKKETQDINEI
ENRIEKLILRAFDIESLKYHHHHHH
;
A
2 'polydeoxyribonucleotide' (DC)(DG)(DA)(DT)(DC)(DG)(DA)(DT)(DG)(DC) Z
3 'polydeoxyribonucleotide' (DG)(DC)(DA)(DT)(DC)(DG)(DA)(DT)(DC)(DG) Y
#
# COMPACT_ATOMS: atom_id res chain seq x y z
N VAL A 10 -21.83 -0.37 5.04
CA VAL A 10 -20.83 -1.41 5.24
C VAL A 10 -21.39 -2.56 6.07
N SER A 11 -20.87 -3.76 5.85
CA SER A 11 -21.36 -4.94 6.54
C SER A 11 -20.82 -5.02 7.95
N ARG A 12 -21.46 -5.87 8.76
CA ARG A 12 -20.98 -6.11 10.12
C ARG A 12 -19.58 -6.72 10.10
N GLN A 13 -19.35 -7.67 9.19
CA GLN A 13 -18.04 -8.29 9.08
C GLN A 13 -16.97 -7.27 8.69
N LYS A 14 -17.32 -6.28 7.88
CA LYS A 14 -16.35 -5.28 7.44
C LYS A 14 -15.97 -4.35 8.59
N ALA A 15 -16.97 -3.84 9.31
CA ALA A 15 -16.70 -2.87 10.38
C ALA A 15 -16.04 -3.51 11.60
N THR A 16 -16.16 -4.83 11.76
CA THR A 16 -15.60 -5.53 12.91
C THR A 16 -14.37 -6.37 12.59
N GLY A 17 -14.01 -6.49 11.31
CA GLY A 17 -12.85 -7.29 10.93
C GLY A 17 -12.98 -8.76 11.25
N ALA A 18 -14.20 -9.29 11.26
CA ALA A 18 -14.46 -10.68 11.62
C ALA A 18 -14.06 -11.58 10.44
N HIS A 19 -12.75 -11.79 10.30
CA HIS A 19 -12.19 -12.69 9.29
C HIS A 19 -11.27 -13.67 10.00
N PHE A 20 -11.67 -14.93 10.02
CA PHE A 20 -10.96 -15.98 10.75
C PHE A 20 -9.70 -16.39 9.99
N THR A 21 -8.71 -16.88 10.74
CA THR A 21 -7.49 -17.40 10.14
C THR A 21 -7.72 -18.85 9.73
N PRO A 22 -7.39 -19.22 8.48
CA PRO A 22 -7.50 -20.63 8.09
C PRO A 22 -6.65 -21.52 8.98
N ASP A 23 -7.14 -22.74 9.24
CA ASP A 23 -6.53 -23.60 10.24
C ASP A 23 -5.09 -23.95 9.88
N LYS A 24 -4.79 -24.13 8.59
CA LYS A 24 -3.43 -24.48 8.20
C LYS A 24 -2.48 -23.31 8.31
N LEU A 25 -2.95 -22.09 8.01
CA LEU A 25 -2.12 -20.91 8.26
C LEU A 25 -1.93 -20.68 9.75
N ALA A 26 -2.98 -20.95 10.55
CA ALA A 26 -2.85 -20.83 12.00
C ALA A 26 -1.77 -21.77 12.52
N GLU A 27 -1.72 -22.99 12.00
CA GLU A 27 -0.71 -23.95 12.44
C GLU A 27 0.68 -23.46 12.10
N VAL A 28 0.86 -22.82 10.94
CA VAL A 28 2.16 -22.27 10.57
C VAL A 28 2.61 -21.24 11.59
N ILE A 29 1.71 -20.33 11.99
CA ILE A 29 2.05 -19.32 12.98
C ILE A 29 2.39 -19.97 14.31
N ALA A 30 1.62 -21.00 14.70
CA ALA A 30 1.84 -21.64 15.99
C ALA A 30 3.20 -22.31 16.06
N LYS A 31 3.59 -23.02 15.00
CA LYS A 31 4.87 -23.73 14.99
C LYS A 31 6.05 -22.76 15.15
N ARG A 32 6.02 -21.64 14.42
CA ARG A 32 7.09 -20.66 14.53
C ARG A 32 7.13 -20.04 15.93
N ILE A 33 5.96 -19.73 16.49
CA ILE A 33 5.91 -19.14 17.83
C ILE A 33 6.59 -20.07 18.84
N LEU A 34 6.24 -21.36 18.81
CA LEU A 34 6.79 -22.27 19.81
C LEU A 34 8.25 -22.61 19.53
N ASP A 35 8.68 -22.57 18.27
CA ASP A 35 10.10 -22.77 17.99
C ASP A 35 10.93 -21.55 18.40
N TYR A 36 10.35 -20.34 18.28
CA TYR A 36 11.03 -19.13 18.74
C TYR A 36 10.99 -18.97 20.26
N PHE A 37 10.04 -19.62 20.93
CA PHE A 37 9.88 -19.43 22.37
C PHE A 37 11.07 -20.02 23.12
N LYS A 38 11.70 -19.20 23.96
CA LYS A 38 12.86 -19.60 24.74
C LYS A 38 12.57 -19.59 26.23
N GLY A 39 11.30 -19.76 26.61
CA GLY A 39 10.91 -19.80 27.99
C GLY A 39 11.26 -21.12 28.65
N GLU A 40 10.76 -21.29 29.88
CA GLU A 40 11.12 -22.46 30.67
C GLU A 40 10.38 -23.71 30.20
N LYS A 41 9.10 -23.58 29.88
CA LYS A 41 8.24 -24.67 29.42
C LYS A 41 8.05 -25.77 30.46
N ASN A 42 8.52 -25.58 31.69
CA ASN A 42 8.27 -26.53 32.75
C ASN A 42 6.96 -26.29 33.47
N ARG A 43 6.42 -25.08 33.38
CA ARG A 43 5.16 -24.71 34.01
C ARG A 43 4.16 -24.28 32.94
N VAL A 44 2.98 -23.86 33.40
CA VAL A 44 1.92 -23.47 32.48
C VAL A 44 2.32 -22.19 31.77
N ILE A 45 2.31 -22.23 30.44
CA ILE A 45 2.63 -21.07 29.61
C ILE A 45 1.34 -20.34 29.25
N ARG A 46 1.29 -19.05 29.56
CA ARG A 46 0.08 -18.25 29.35
C ARG A 46 0.08 -17.72 27.92
N VAL A 47 -1.00 -18.00 27.20
CA VAL A 47 -1.15 -17.62 25.79
C VAL A 47 -2.37 -16.73 25.67
N LEU A 48 -2.24 -15.63 24.92
CA LEU A 48 -3.33 -14.67 24.75
C LEU A 48 -3.63 -14.45 23.27
N ASP A 49 -4.92 -14.44 22.95
CA ASP A 49 -5.42 -13.99 21.66
C ASP A 49 -6.37 -12.82 21.92
N PRO A 50 -5.95 -11.58 21.69
CA PRO A 50 -6.77 -10.42 22.09
C PRO A 50 -8.05 -10.30 21.28
N ALA A 51 -8.12 -10.90 20.09
CA ALA A 51 -9.30 -10.92 19.24
C ALA A 51 -9.40 -12.37 18.73
N CYS A 52 -10.03 -13.22 19.53
CA CYS A 52 -9.89 -14.67 19.37
C CYS A 52 -10.91 -15.18 18.35
N GLY A 53 -11.96 -14.43 18.06
CA GLY A 53 -12.96 -14.93 17.13
C GLY A 53 -13.59 -16.20 17.65
N ASP A 54 -13.64 -17.23 16.81
CA ASP A 54 -14.12 -18.53 17.24
C ASP A 54 -13.00 -19.45 17.72
N GLY A 55 -11.83 -18.90 18.04
CA GLY A 55 -10.80 -19.61 18.76
C GLY A 55 -9.80 -20.38 17.92
N GLU A 56 -9.71 -20.09 16.63
CA GLU A 56 -8.86 -20.91 15.75
C GLU A 56 -7.39 -20.86 16.16
N LEU A 57 -6.90 -19.69 16.56
CA LEU A 57 -5.48 -19.56 16.89
C LEU A 57 -5.14 -20.25 18.21
N LEU A 58 -6.05 -20.16 19.19
CA LEU A 58 -5.82 -20.85 20.46
C LEU A 58 -5.83 -22.36 20.29
N LEU A 59 -6.71 -22.87 19.43
CA LEU A 59 -6.72 -24.29 19.12
C LEU A 59 -5.46 -24.70 18.37
N ALA A 60 -4.99 -23.86 17.45
CA ALA A 60 -3.83 -24.22 16.64
C ALA A 60 -2.57 -24.29 17.49
N ILE A 61 -2.39 -23.33 18.40
CA ILE A 61 -1.18 -23.32 19.22
C ILE A 61 -1.24 -24.39 20.29
N ASN A 62 -2.45 -24.73 20.77
CA ASN A 62 -2.55 -25.80 21.77
C ASN A 62 -2.32 -27.16 21.14
N LYS A 63 -2.72 -27.34 19.89
CA LYS A 63 -2.45 -28.59 19.19
C LYS A 63 -0.95 -28.80 19.03
N VAL A 64 -0.22 -27.76 18.63
CA VAL A 64 1.23 -27.87 18.47
C VAL A 64 1.91 -28.09 19.82
N ALA A 65 1.40 -27.43 20.86
CA ALA A 65 2.04 -27.53 22.18
C ALA A 65 1.83 -28.91 22.79
N GLN A 66 0.68 -29.53 22.55
CA GLN A 66 0.43 -30.87 23.08
C GLN A 66 1.38 -31.90 22.45
N SER A 67 1.78 -31.70 21.20
CA SER A 67 2.77 -32.56 20.59
C SER A 67 4.16 -32.39 21.19
N MET A 68 4.38 -31.31 21.95
CA MET A 68 5.66 -31.07 22.62
C MET A 68 5.59 -31.34 24.11
N ASN A 69 4.50 -31.94 24.59
CA ASN A 69 4.28 -32.16 26.02
C ASN A 69 4.35 -30.86 26.80
N ILE A 70 3.78 -29.80 26.23
CA ILE A 70 3.75 -28.47 26.84
C ILE A 70 2.32 -28.16 27.25
N GLN A 71 2.14 -27.67 28.47
CA GLN A 71 0.83 -27.30 28.99
C GLN A 71 0.62 -25.79 28.82
N LEU A 72 -0.54 -25.41 28.29
CA LEU A 72 -0.85 -24.02 28.00
C LEU A 72 -2.09 -23.57 28.77
N GLU A 73 -2.09 -22.30 29.15
CA GLU A 73 -3.29 -21.60 29.60
C GLU A 73 -3.75 -20.70 28.47
N LEU A 74 -4.93 -20.97 27.93
CA LEU A 74 -5.44 -20.26 26.78
C LEU A 74 -6.35 -19.12 27.23
N ILE A 75 -6.08 -17.92 26.75
CA ILE A 75 -6.87 -16.74 27.08
C ILE A 75 -7.27 -16.05 25.78
N GLY A 76 -8.57 -15.87 25.60
CA GLY A 76 -9.08 -15.22 24.40
C GLY A 76 -10.08 -14.13 24.74
N VAL A 77 -9.98 -13.02 24.02
CA VAL A 77 -10.86 -11.87 24.21
C VAL A 77 -11.52 -11.55 22.87
N ASP A 78 -12.81 -11.21 22.91
CA ASP A 78 -13.53 -10.78 21.73
C ASP A 78 -14.77 -10.01 22.18
N PHE A 79 -15.04 -8.87 21.55
CA PHE A 79 -16.14 -8.02 21.95
C PHE A 79 -17.49 -8.49 21.42
N ASP A 80 -17.50 -9.55 20.62
CA ASP A 80 -18.74 -10.09 20.06
C ASP A 80 -19.09 -11.37 20.83
N ILE A 81 -20.29 -11.38 21.42
CA ILE A 81 -20.70 -12.50 22.26
C ILE A 81 -20.90 -13.76 21.43
N ASP A 82 -21.39 -13.62 20.21
CA ASP A 82 -21.54 -14.79 19.33
C ASP A 82 -20.20 -15.45 19.07
N ALA A 83 -19.16 -14.64 18.83
CA ALA A 83 -17.82 -15.18 18.69
C ALA A 83 -17.35 -15.85 19.98
N ILE A 84 -17.67 -15.25 21.13
CA ILE A 84 -17.30 -15.85 22.41
C ILE A 84 -18.03 -17.17 22.59
N ASN A 85 -19.32 -17.21 22.24
CA ASN A 85 -20.11 -18.42 22.45
C ASN A 85 -19.59 -19.58 21.61
N ILE A 86 -19.26 -19.31 20.34
CA ILE A 86 -18.80 -20.40 19.48
C ILE A 86 -17.39 -20.82 19.85
N ALA A 87 -16.55 -19.89 20.31
CA ALA A 87 -15.19 -20.22 20.72
C ALA A 87 -15.18 -21.08 21.98
N ASN A 88 -16.12 -20.82 22.90
CA ASN A 88 -16.22 -21.64 24.10
C ASN A 88 -16.67 -23.05 23.75
N GLU A 89 -17.57 -23.18 22.78
CA GLU A 89 -18.02 -24.50 22.34
C GLU A 89 -16.89 -25.30 21.72
N ARG A 90 -16.09 -24.66 20.85
CA ARG A 90 -15.02 -25.39 20.18
C ARG A 90 -13.89 -25.74 21.16
N LEU A 91 -13.57 -24.83 22.08
CA LEU A 91 -12.52 -25.12 23.05
C LEU A 91 -12.96 -26.18 24.04
N SER A 92 -14.22 -26.15 24.48
CA SER A 92 -14.70 -27.15 25.42
C SER A 92 -14.71 -28.53 24.79
N ARG A 93 -15.16 -28.65 23.55
CA ARG A 93 -15.18 -29.94 22.88
C ARG A 93 -13.80 -30.47 22.56
N SER A 94 -12.79 -29.60 22.47
CA SER A 94 -11.43 -30.04 22.17
C SER A 94 -10.80 -30.84 23.30
N GLY A 95 -11.41 -30.85 24.49
CA GLY A 95 -10.87 -31.58 25.62
C GLY A 95 -9.90 -30.82 26.49
N HIS A 96 -9.50 -29.61 26.10
CA HIS A 96 -8.59 -28.82 26.90
C HIS A 96 -9.36 -28.08 27.99
N LYS A 97 -8.88 -28.18 29.23
CA LYS A 97 -9.58 -27.62 30.37
C LYS A 97 -9.11 -26.19 30.69
N ASN A 98 -7.82 -25.93 30.67
CA ASN A 98 -7.29 -24.66 31.12
C ASN A 98 -7.42 -23.62 30.00
N PHE A 99 -8.61 -23.05 29.89
CA PHE A 99 -8.84 -21.93 28.98
C PHE A 99 -9.85 -20.98 29.61
N ARG A 100 -9.83 -19.74 29.12
CA ARG A 100 -10.65 -18.68 29.67
C ARG A 100 -10.99 -17.69 28.56
N LEU A 101 -12.25 -17.25 28.51
CA LEU A 101 -12.73 -16.34 27.48
C LEU A 101 -13.42 -15.14 28.11
N ILE A 102 -13.15 -13.96 27.55
CA ILE A 102 -13.66 -12.69 28.07
C ILE A 102 -14.34 -11.94 26.94
N ASN A 103 -15.60 -11.55 27.16
CA ASN A 103 -16.37 -10.76 26.21
C ASN A 103 -16.24 -9.30 26.58
N LYS A 104 -15.34 -8.59 25.89
CA LYS A 104 -15.12 -7.18 26.15
C LYS A 104 -14.38 -6.58 24.96
N ASP A 105 -14.39 -5.24 24.90
CA ASP A 105 -13.51 -4.52 24.00
C ASP A 105 -12.09 -4.60 24.53
N PHE A 106 -11.19 -5.26 23.78
CA PHE A 106 -9.83 -5.41 24.25
C PHE A 106 -9.12 -4.05 24.36
N LEU A 107 -9.52 -3.08 23.55
CA LEU A 107 -8.93 -1.76 23.62
C LEU A 107 -9.46 -0.94 24.78
N GLU A 108 -10.63 -1.31 25.33
CA GLU A 108 -11.23 -0.66 26.50
C GLU A 108 -11.46 0.84 26.29
N MET A 109 -12.28 1.13 25.29
CA MET A 109 -12.59 2.52 24.95
C MET A 109 -13.83 3.01 25.69
N LEU A 124 -5.86 -8.07 34.36
CA LEU A 124 -5.40 -9.25 33.66
C LEU A 124 -3.88 -9.35 33.80
N GLU A 125 -3.40 -10.52 34.21
CA GLU A 125 -1.97 -10.72 34.35
C GLU A 125 -1.31 -10.78 32.97
N PRO A 126 -0.10 -10.25 32.83
CA PRO A 126 0.59 -10.33 31.52
C PRO A 126 0.93 -11.76 31.18
N VAL A 127 0.98 -12.04 29.88
CA VAL A 127 1.10 -13.40 29.37
C VAL A 127 2.50 -13.62 28.82
N ASP A 128 2.80 -14.89 28.53
CA ASP A 128 4.10 -15.31 28.01
C ASP A 128 4.11 -15.35 26.48
N ILE A 129 2.98 -15.63 25.85
CA ILE A 129 2.90 -15.76 24.41
C ILE A 129 1.64 -15.07 23.91
N ILE A 130 1.72 -14.44 22.75
CA ILE A 130 0.57 -13.84 22.08
C ILE A 130 0.52 -14.37 20.66
N ILE A 131 -0.59 -15.01 20.30
CA ILE A 131 -0.90 -15.36 18.92
C ILE A 131 -2.16 -14.59 18.53
N ALA A 132 -2.09 -13.87 17.41
CA ALA A 132 -3.14 -12.90 17.13
C ALA A 132 -3.34 -12.71 15.62
N ASN A 133 -4.59 -12.46 15.26
CA ASN A 133 -4.95 -11.92 13.95
C ASN A 133 -6.01 -10.86 14.21
N PRO A 134 -5.60 -9.64 14.56
CA PRO A 134 -6.55 -8.62 14.98
C PRO A 134 -7.38 -8.14 13.81
N PRO A 135 -8.49 -7.45 14.07
CA PRO A 135 -9.30 -6.92 12.96
C PRO A 135 -8.59 -5.79 12.24
N TYR A 136 -8.81 -5.71 10.93
CA TYR A 136 -8.31 -4.61 10.11
C TYR A 136 -9.51 -3.76 9.73
N VAL A 137 -9.57 -2.54 10.27
CA VAL A 137 -10.63 -1.59 9.93
C VAL A 137 -9.96 -0.28 9.54
N ARG A 138 -10.21 0.17 8.31
CA ARG A 138 -9.58 1.38 7.81
C ARG A 138 -10.14 2.60 8.54
N THR A 139 -9.48 3.74 8.33
CA THR A 139 -9.84 4.97 9.04
C THR A 139 -11.25 5.42 8.70
N GLN A 140 -11.65 5.26 7.44
CA GLN A 140 -12.96 5.75 7.01
C GLN A 140 -14.11 4.94 7.60
N ILE A 141 -13.86 3.67 7.95
CA ILE A 141 -14.92 2.88 8.58
C ILE A 141 -14.95 3.13 10.08
N LEU A 142 -13.80 3.39 10.70
CA LEU A 142 -13.78 3.77 12.11
C LEU A 142 -14.47 5.11 12.34
N GLY A 143 -14.49 5.98 11.32
CA GLY A 143 -14.99 7.33 11.49
C GLY A 143 -13.90 8.24 12.05
N ALA A 144 -13.93 9.51 11.66
CA ALA A 144 -12.87 10.43 12.07
C ALA A 144 -12.81 10.59 13.58
N GLU A 145 -13.94 10.44 14.27
CA GLU A 145 -13.96 10.69 15.71
C GLU A 145 -13.26 9.58 16.48
N LYS A 146 -13.58 8.32 16.17
CA LYS A 146 -12.97 7.20 16.88
C LYS A 146 -11.50 7.04 16.50
N ALA A 147 -11.15 7.39 15.26
CA ALA A 147 -9.74 7.33 14.85
C ALA A 147 -8.89 8.31 15.64
N GLN A 148 -9.47 9.43 16.06
CA GLN A 148 -8.73 10.38 16.89
C GLN A 148 -8.48 9.83 18.29
N LYS A 149 -9.44 9.07 18.82
CA LYS A 149 -9.26 8.48 20.15
C LYS A 149 -8.16 7.43 20.13
N LEU A 150 -8.14 6.58 19.11
CA LEU A 150 -7.11 5.54 19.03
C LEU A 150 -5.72 6.16 18.92
N ARG A 151 -5.59 7.25 18.16
CA ARG A 151 -4.29 7.89 17.99
C ARG A 151 -3.79 8.48 19.31
N GLU A 152 -4.68 9.09 20.09
CA GLU A 152 -4.28 9.69 21.36
C GLU A 152 -3.99 8.63 22.42
N LYS A 153 -4.72 7.52 22.39
CA LYS A 153 -4.54 6.49 23.41
C LYS A 153 -3.28 5.67 23.19
N PHE A 154 -3.00 5.30 21.94
CA PHE A 154 -1.90 4.38 21.64
C PHE A 154 -0.77 5.06 20.87
N ASN A 155 -0.72 6.40 20.90
CA ASN A 155 0.41 7.16 20.36
C ASN A 155 0.68 6.81 18.90
N LEU A 156 -0.36 6.91 18.07
CA LEU A 156 -0.30 6.58 16.66
C LEU A 156 -0.57 7.82 15.81
N LYS A 157 -0.10 7.78 14.57
CA LYS A 157 -0.23 8.91 13.65
C LYS A 157 -0.76 8.43 12.30
N GLY A 158 -1.30 9.37 11.53
CA GLY A 158 -1.74 9.08 10.18
C GLY A 158 -3.12 8.42 10.13
N ARG A 159 -3.41 7.88 8.95
CA ARG A 159 -4.68 7.18 8.70
C ARG A 159 -4.63 5.84 9.44
N VAL A 160 -4.87 5.91 10.75
CA VAL A 160 -4.69 4.75 11.61
C VAL A 160 -5.69 3.66 11.26
N ASP A 161 -5.22 2.42 11.29
CA ASP A 161 -6.06 1.24 11.16
C ASP A 161 -6.28 0.61 12.54
N LEU A 162 -7.36 -0.16 12.65
CA LEU A 162 -7.67 -0.80 13.93
C LEU A 162 -6.60 -1.81 14.33
N TYR A 163 -5.95 -2.46 13.36
CA TYR A 163 -4.92 -3.44 13.71
C TYR A 163 -3.70 -2.77 14.31
N GLN A 164 -3.43 -1.52 13.94
CA GLN A 164 -2.30 -0.80 14.51
C GLN A 164 -2.52 -0.51 15.99
N ALA A 165 -3.75 -0.14 16.36
CA ALA A 165 -4.06 0.03 17.78
C ALA A 165 -3.93 -1.29 18.52
N PHE A 166 -4.41 -2.38 17.93
CA PHE A 166 -4.31 -3.68 18.57
C PHE A 166 -2.86 -4.11 18.76
N LEU A 167 -1.98 -3.75 17.82
CA LEU A 167 -0.56 -4.06 17.98
C LEU A 167 0.02 -3.41 19.23
N VAL A 168 -0.33 -2.14 19.48
CA VAL A 168 0.14 -1.47 20.68
C VAL A 168 -0.51 -2.08 21.92
N ALA A 169 -1.83 -2.27 21.87
CA ALA A 169 -2.56 -2.74 23.04
C ALA A 169 -2.14 -4.13 23.45
N MET A 170 -1.95 -5.04 22.49
CA MET A 170 -1.58 -6.40 22.84
C MET A 170 -0.13 -6.48 23.31
N THR A 171 0.74 -5.59 22.81
CA THR A 171 2.16 -5.66 23.15
C THR A 171 2.38 -5.39 24.64
N GLN A 172 1.60 -4.48 25.23
CA GLN A 172 1.76 -4.20 26.66
C GLN A 172 1.14 -5.25 27.55
N GLN A 173 0.38 -6.20 26.99
CA GLN A 173 -0.09 -7.36 27.73
C GLN A 173 0.92 -8.50 27.71
N LEU A 174 2.06 -8.31 27.08
CA LEU A 174 3.08 -9.35 26.93
C LEU A 174 4.21 -9.08 27.91
N LYS A 175 4.64 -10.13 28.61
CA LYS A 175 5.79 -10.02 29.49
C LYS A 175 7.07 -9.84 28.68
N SER A 176 8.08 -9.23 29.30
CA SER A 176 9.36 -9.08 28.65
C SER A 176 9.97 -10.45 28.38
N ASN A 177 10.63 -10.57 27.23
CA ASN A 177 11.15 -11.81 26.64
C ASN A 177 10.03 -12.73 26.15
N GLY A 178 8.77 -12.31 26.24
CA GLY A 178 7.70 -13.09 25.66
C GLY A 178 7.71 -13.03 24.15
N ILE A 179 7.08 -14.03 23.53
CA ILE A 179 7.06 -14.19 22.08
C ILE A 179 5.70 -13.76 21.56
N ILE A 180 5.69 -12.93 20.53
CA ILE A 180 4.47 -12.56 19.83
C ILE A 180 4.53 -13.12 18.41
N GLY A 181 3.40 -13.60 17.92
CA GLY A 181 3.23 -13.96 16.53
C GLY A 181 1.89 -13.45 16.06
N VAL A 182 1.90 -12.40 15.23
CA VAL A 182 0.67 -11.70 14.86
C VAL A 182 0.68 -11.46 13.36
N ILE A 183 -0.44 -11.79 12.71
CA ILE A 183 -0.61 -11.53 11.30
C ILE A 183 -1.55 -10.34 11.13
N THR A 184 -1.13 -9.37 10.34
CA THR A 184 -1.92 -8.19 10.04
C THR A 184 -1.86 -7.94 8.53
N SER A 185 -2.54 -6.88 8.09
CA SER A 185 -2.26 -6.34 6.77
C SER A 185 -0.80 -5.96 6.68
N ASN A 186 -0.19 -6.18 5.52
CA ASN A 186 1.23 -5.89 5.36
C ASN A 186 1.52 -4.41 5.13
N ARG A 187 0.48 -3.57 5.06
CA ARG A 187 0.64 -2.22 4.56
C ARG A 187 1.42 -1.32 5.50
N TYR A 188 1.56 -1.69 6.79
CA TYR A 188 2.41 -0.91 7.67
C TYR A 188 3.87 -0.95 7.24
N LEU A 189 4.27 -1.95 6.45
CA LEU A 189 5.65 -2.05 6.01
C LEU A 189 6.03 -0.96 5.01
N THR A 190 5.08 -0.52 4.18
CA THR A 190 5.42 0.31 3.03
C THR A 190 4.67 1.64 2.93
N THR A 191 3.68 1.89 3.77
CA THR A 191 2.90 3.12 3.69
C THR A 191 3.45 4.18 4.62
N LYS A 192 3.14 5.44 4.29
CA LYS A 192 3.52 6.56 5.16
C LYS A 192 2.84 6.43 6.53
N GLY A 193 1.57 6.02 6.55
CA GLY A 193 0.86 5.85 7.80
C GLY A 193 1.31 4.69 8.66
N GLY A 194 2.15 3.80 8.12
CA GLY A 194 2.71 2.73 8.90
C GLY A 194 3.91 3.13 9.75
N GLU A 195 4.29 4.40 9.69
CA GLU A 195 5.50 4.86 10.38
C GLU A 195 5.41 4.63 11.89
N SER A 196 4.26 4.94 12.49
CA SER A 196 4.13 4.75 13.94
C SER A 196 4.24 3.28 14.31
N THR A 197 3.68 2.40 13.49
CA THR A 197 3.74 0.97 13.77
C THR A 197 5.17 0.46 13.64
N ARG A 198 5.87 0.84 12.57
CA ARG A 198 7.26 0.42 12.40
C ARG A 198 8.12 0.88 13.56
N LYS A 199 7.97 2.14 13.97
CA LYS A 199 8.73 2.66 15.11
C LYS A 199 8.40 1.89 16.38
N PHE A 200 7.11 1.64 16.62
CA PHE A 200 6.71 0.93 17.83
C PHE A 200 7.24 -0.50 17.84
N LEU A 201 7.23 -1.16 16.68
CA LEU A 201 7.64 -2.55 16.62
C LEU A 201 9.14 -2.69 16.87
N VAL A 202 9.95 -1.87 16.21
CA VAL A 202 11.40 -2.03 16.30
C VAL A 202 11.92 -1.56 17.66
N SER A 203 11.19 -0.70 18.36
CA SER A 203 11.63 -0.22 19.66
C SER A 203 11.07 -1.03 20.83
N ASN A 204 10.16 -1.96 20.58
CA ASN A 204 9.57 -2.78 21.64
C ASN A 204 9.89 -4.27 21.51
N PHE A 205 10.44 -4.71 20.38
CA PHE A 205 10.70 -6.12 20.14
C PHE A 205 12.10 -6.31 19.57
N ASN A 206 12.70 -7.44 19.93
CA ASN A 206 13.81 -7.99 19.16
C ASN A 206 13.18 -8.73 18.00
N ILE A 207 13.13 -8.09 16.83
CA ILE A 207 12.43 -8.66 15.69
C ILE A 207 13.10 -9.96 15.28
N LEU A 208 12.31 -11.02 15.21
CA LEU A 208 12.81 -12.34 14.80
C LEU A 208 12.60 -12.61 13.32
N GLU A 209 11.37 -12.43 12.83
CA GLU A 209 11.05 -12.70 11.44
C GLU A 209 9.79 -11.93 11.06
N ILE A 210 9.80 -11.37 9.86
CA ILE A 210 8.64 -10.76 9.25
C ILE A 210 8.35 -11.51 7.96
N MET A 211 7.15 -12.07 7.85
CA MET A 211 6.72 -12.83 6.68
C MET A 211 5.71 -12.01 5.90
N ASP A 212 6.14 -11.46 4.75
CA ASP A 212 5.22 -10.81 3.83
C ASP A 212 4.59 -11.89 2.95
N LEU A 213 3.32 -12.20 3.18
CA LEU A 213 2.62 -13.21 2.42
C LEU A 213 2.17 -12.72 1.04
N GLY A 214 2.32 -11.43 0.76
CA GLY A 214 2.06 -10.91 -0.57
C GLY A 214 0.66 -11.23 -1.06
N ASP A 215 0.57 -11.53 -2.35
CA ASP A 215 -0.71 -11.86 -2.98
C ASP A 215 -0.96 -13.37 -3.04
N SER A 216 -0.64 -14.09 -1.97
CA SER A 216 -0.92 -15.51 -1.92
CA SER A 216 -0.93 -15.52 -1.93
C SER A 216 -2.40 -15.80 -1.69
N LYS A 217 -3.14 -14.84 -1.14
CA LYS A 217 -4.60 -14.93 -0.98
C LYS A 217 -5.02 -16.09 -0.07
N PHE A 218 -4.41 -16.14 1.12
CA PHE A 218 -4.81 -17.14 2.11
C PHE A 218 -6.21 -16.86 2.65
N PHE A 219 -6.58 -15.60 2.77
CA PHE A 219 -7.90 -15.21 3.22
C PHE A 219 -8.82 -15.01 2.03
N GLU A 220 -10.12 -15.29 2.24
CA GLU A 220 -11.12 -14.95 1.24
C GLU A 220 -11.13 -13.46 0.95
N ALA A 221 -10.76 -12.65 1.93
CA ALA A 221 -10.73 -11.21 1.77
C ALA A 221 -9.60 -10.79 0.84
N ALA A 222 -9.80 -9.66 0.17
CA ALA A 222 -8.78 -9.10 -0.72
C ALA A 222 -7.81 -8.28 0.12
N VAL A 223 -6.75 -8.95 0.58
CA VAL A 223 -5.76 -8.31 1.44
C VAL A 223 -4.43 -9.03 1.27
N LEU A 224 -3.34 -8.27 1.36
CA LEU A 224 -2.00 -8.83 1.39
C LEU A 224 -1.51 -8.78 2.84
N PRO A 225 -1.40 -9.91 3.54
CA PRO A 225 -1.04 -9.86 4.96
C PRO A 225 0.43 -10.07 5.23
N ALA A 226 0.89 -9.66 6.43
CA ALA A 226 2.23 -9.95 6.91
C ALA A 226 2.14 -10.54 8.31
N ILE A 227 3.10 -11.40 8.64
CA ILE A 227 3.20 -12.01 9.97
C ILE A 227 4.44 -11.48 10.66
N PHE A 228 4.28 -11.04 11.90
CA PHE A 228 5.36 -10.46 12.69
C PHE A 228 5.67 -11.38 13.87
N PHE A 229 6.93 -11.81 13.97
CA PHE A 229 7.41 -12.59 15.09
C PHE A 229 8.48 -11.79 15.82
N GLY A 230 8.34 -11.67 17.14
CA GLY A 230 9.30 -10.90 17.91
C GLY A 230 9.29 -11.27 19.37
N GLU A 231 10.41 -11.00 20.02
CA GLU A 231 10.57 -11.17 21.46
C GLU A 231 10.57 -9.79 22.11
N LYS A 232 9.67 -9.59 23.07
CA LYS A 232 9.55 -8.27 23.69
C LYS A 232 10.83 -7.92 24.45
N LYS A 233 11.28 -6.68 24.26
CA LYS A 233 12.55 -6.25 24.84
C LYS A 233 12.47 -6.22 26.36
N ASN A 234 13.64 -6.35 26.99
CA ASN A 234 13.75 -6.45 28.44
C ASN A 234 14.01 -5.10 29.11
N LYS A 235 14.43 -4.09 28.36
CA LYS A 235 14.84 -2.78 28.87
C LYS A 235 16.00 -2.87 29.86
N GLU A 236 16.61 -4.06 29.96
CA GLU A 236 17.72 -4.27 30.94
C GLU A 236 18.45 -5.57 30.60
N SER A 242 22.19 -8.65 19.92
CA SER A 242 22.70 -10.04 19.75
C SER A 242 21.73 -10.84 18.86
N ASN A 243 21.06 -10.18 17.93
CA ASN A 243 20.07 -10.82 17.07
C ASN A 243 19.92 -10.02 15.79
N VAL A 244 19.86 -10.73 14.67
CA VAL A 244 19.69 -10.12 13.35
C VAL A 244 18.33 -10.54 12.81
N PRO A 245 17.39 -9.61 12.63
CA PRO A 245 16.06 -9.99 12.15
C PRO A 245 16.08 -10.42 10.69
N LYS A 246 15.36 -11.50 10.40
CA LYS A 246 15.25 -12.01 9.05
C LYS A 246 13.84 -11.80 8.52
N PHE A 247 13.66 -12.09 7.23
CA PHE A 247 12.35 -11.93 6.61
C PHE A 247 12.07 -13.11 5.69
N PHE A 248 10.78 -13.27 5.38
CA PHE A 248 10.29 -14.21 4.38
C PHE A 248 9.32 -13.45 3.49
N LYS A 249 9.52 -13.54 2.18
CA LYS A 249 8.68 -12.82 1.23
C LYS A 249 8.22 -13.78 0.14
N ILE A 250 6.91 -13.85 -0.08
CA ILE A 250 6.34 -14.67 -1.13
C ILE A 250 5.31 -13.85 -1.90
N TYR A 251 5.49 -13.77 -3.21
CA TYR A 251 4.51 -13.19 -4.12
C TYR A 251 4.36 -14.11 -5.32
N GLU A 252 3.19 -14.08 -5.93
CA GLU A 252 3.01 -14.76 -7.21
C GLU A 252 3.91 -14.13 -8.26
N GLN A 253 4.59 -14.98 -9.03
CA GLN A 253 5.49 -14.52 -10.09
C GLN A 253 4.82 -14.82 -11.42
N SER A 254 4.45 -13.76 -12.15
CA SER A 254 3.73 -13.95 -13.39
C SER A 254 4.67 -14.16 -14.57
N ASP A 255 5.78 -13.44 -14.61
CA ASP A 255 6.75 -13.51 -15.71
C ASP A 255 7.96 -14.31 -15.26
N ILE A 256 8.07 -15.54 -15.76
CA ILE A 256 9.24 -16.38 -15.55
C ILE A 256 10.18 -16.17 -16.74
N GLU A 257 11.37 -15.62 -16.47
CA GLU A 257 12.32 -15.44 -17.56
C GLU A 257 12.88 -16.79 -17.99
N ALA A 258 13.51 -16.80 -19.18
CA ALA A 258 13.87 -18.05 -19.83
C ALA A 258 14.83 -18.88 -18.99
N SER A 259 15.81 -18.23 -18.35
CA SER A 259 16.88 -18.93 -17.66
C SER A 259 16.61 -19.15 -16.18
N SER A 260 15.35 -19.10 -15.75
CA SER A 260 14.98 -19.29 -14.35
C SER A 260 14.26 -20.62 -14.19
N SER A 261 14.76 -21.46 -13.28
CA SER A 261 14.18 -22.76 -13.01
C SER A 261 13.18 -22.65 -11.86
N VAL A 262 12.21 -23.57 -11.87
CA VAL A 262 11.13 -23.58 -10.90
C VAL A 262 11.15 -24.90 -10.13
N ASN A 263 10.93 -24.84 -8.83
CA ASN A 263 10.83 -26.01 -7.98
C ASN A 263 9.37 -26.38 -7.81
N SER A 264 9.02 -27.65 -8.06
CA SER A 264 7.60 -28.10 -8.02
C SER A 264 7.44 -29.32 -7.11
N GLU A 265 8.39 -29.57 -6.21
CA GLU A 265 8.30 -30.70 -5.31
C GLU A 265 7.46 -30.39 -4.06
N PHE A 266 6.67 -29.33 -4.10
CA PHE A 266 5.75 -29.00 -3.01
C PHE A 266 4.34 -29.01 -3.56
N ASN A 267 3.44 -29.72 -2.87
CA ASN A 267 2.09 -29.93 -3.38
C ASN A 267 1.09 -28.88 -2.92
N SER A 268 1.37 -28.14 -1.85
CA SER A 268 0.42 -27.19 -1.30
C SER A 268 1.09 -25.85 -1.07
N LEU A 269 0.28 -24.79 -1.17
CA LEU A 269 0.78 -23.43 -0.95
C LEU A 269 1.25 -23.26 0.49
N ILE A 270 0.56 -23.89 1.45
CA ILE A 270 0.93 -23.76 2.85
C ILE A 270 2.30 -24.36 3.12
N GLU A 271 2.74 -25.32 2.29
CA GLU A 271 4.06 -25.90 2.47
C GLU A 271 5.17 -24.93 2.10
N LEU A 272 4.92 -24.04 1.14
CA LEU A 272 5.95 -23.09 0.73
C LEU A 272 6.34 -22.14 1.85
N LEU A 273 5.50 -21.99 2.88
CA LEU A 273 5.79 -21.11 4.00
C LEU A 273 6.89 -21.65 4.91
N GLU A 274 7.38 -22.87 4.67
CA GLU A 274 8.51 -23.41 5.43
C GLU A 274 9.71 -23.67 4.54
N VAL A 275 9.66 -23.24 3.27
CA VAL A 275 10.83 -23.26 2.41
C VAL A 275 11.89 -22.34 2.97
N ASN A 276 13.15 -22.80 2.95
CA ASN A 276 14.27 -22.03 3.48
C ASN A 276 15.31 -21.70 2.41
N LYS A 277 14.92 -21.73 1.14
CA LYS A 277 15.81 -21.35 0.03
C LYS A 277 15.06 -20.41 -0.90
N SER A 278 15.70 -19.30 -1.26
CA SER A 278 15.11 -18.39 -2.23
C SER A 278 15.02 -19.06 -3.59
N GLY A 279 14.03 -18.66 -4.37
CA GLY A 279 13.86 -19.18 -5.71
C GLY A 279 12.40 -19.19 -6.10
N LEU A 280 12.15 -19.70 -7.31
CA LEU A 280 10.80 -19.83 -7.84
C LEU A 280 10.23 -21.19 -7.49
N TYR A 281 9.02 -21.20 -6.94
CA TYR A 281 8.34 -22.43 -6.55
C TYR A 281 6.93 -22.41 -7.14
N SER A 282 6.46 -23.58 -7.56
CA SER A 282 5.16 -23.70 -8.20
C SER A 282 4.31 -24.73 -7.49
N VAL A 283 3.29 -24.28 -6.77
CA VAL A 283 2.15 -25.11 -6.42
C VAL A 283 1.19 -24.99 -7.61
N GLU A 284 1.23 -25.98 -8.50
CA GLU A 284 0.80 -25.81 -9.88
C GLU A 284 -0.56 -25.12 -9.91
N ASP A 285 -0.81 -24.43 -11.03
CA ASP A 285 -1.77 -23.36 -11.28
C ASP A 285 -1.15 -21.99 -11.06
N LYS A 286 -0.07 -21.93 -10.28
CA LYS A 286 0.58 -20.67 -9.94
C LYS A 286 2.06 -20.95 -9.68
N THR A 287 2.88 -19.93 -9.97
CA THR A 287 4.29 -19.94 -9.65
C THR A 287 4.58 -18.77 -8.71
N TYR A 288 5.39 -19.01 -7.69
CA TYR A 288 5.64 -18.03 -6.64
C TYR A 288 7.14 -17.74 -6.54
N SER A 289 7.47 -16.47 -6.34
CA SER A 289 8.84 -16.04 -6.06
C SER A 289 9.01 -15.87 -4.56
N ILE A 290 9.88 -16.69 -3.97
CA ILE A 290 10.13 -16.66 -2.54
C ILE A 290 11.52 -16.08 -2.30
N SER A 291 11.61 -15.15 -1.36
CA SER A 291 12.89 -14.53 -1.00
C SER A 291 13.06 -14.61 0.51
N LEU A 292 14.25 -14.99 0.94
CA LEU A 292 14.64 -14.95 2.34
C LEU A 292 15.87 -14.07 2.50
N GLY A 293 16.01 -13.48 3.68
CA GLY A 293 17.14 -12.63 3.96
C GLY A 293 16.92 -11.87 5.26
N LYS A 294 17.76 -10.87 5.46
CA LYS A 294 17.68 -10.03 6.65
C LYS A 294 17.02 -8.69 6.30
N ILE A 295 16.27 -8.15 7.25
CA ILE A 295 15.78 -6.79 7.11
C ILE A 295 16.86 -5.83 7.56
N ILE A 296 17.16 -4.84 6.73
CA ILE A 296 18.34 -3.99 6.91
C ILE A 296 17.94 -2.77 7.74
N SER A 297 18.50 -2.68 8.95
CA SER A 297 18.37 -1.54 9.86
C SER A 297 16.94 -1.03 9.95
N PRO A 298 16.02 -1.79 10.56
CA PRO A 298 14.64 -1.32 10.68
C PRO A 298 14.48 -0.10 11.56
N GLU A 299 15.51 0.29 12.32
CA GLU A 299 15.42 1.49 13.13
C GLU A 299 15.28 2.76 12.30
N ASN A 300 15.53 2.69 10.99
CA ASN A 300 15.18 3.77 10.07
C ASN A 300 13.73 3.54 9.65
N TYR A 301 12.82 3.86 10.57
CA TYR A 301 11.41 3.54 10.43
C TYR A 301 10.63 4.56 9.60
N LYS A 302 11.18 5.75 9.38
CA LYS A 302 10.46 6.76 8.61
C LYS A 302 10.38 6.40 7.13
N GLU A 303 11.31 5.57 6.63
CA GLU A 303 11.23 5.03 5.28
C GLU A 303 10.58 3.65 5.31
N PRO A 304 9.96 3.22 4.21
CA PRO A 304 9.39 1.88 4.17
C PRO A 304 10.44 0.82 4.45
N TRP A 305 10.07 -0.18 5.25
CA TRP A 305 10.94 -1.33 5.47
C TRP A 305 11.08 -2.11 4.17
N ILE A 306 12.32 -2.42 3.80
CA ILE A 306 12.63 -3.06 2.53
C ILE A 306 12.95 -4.52 2.78
N LEU A 307 12.23 -5.41 2.10
CA LEU A 307 12.48 -6.85 2.14
C LEU A 307 13.12 -7.22 0.81
N ALA A 308 14.46 -7.20 0.78
CA ALA A 308 15.20 -7.49 -0.43
C ALA A 308 16.40 -8.37 -0.08
N THR A 309 16.85 -9.14 -1.08
CA THR A 309 17.98 -10.02 -0.87
C THR A 309 19.27 -9.19 -0.80
N GLU A 310 20.37 -9.88 -0.50
CA GLU A 310 21.65 -9.19 -0.38
C GLU A 310 22.06 -8.54 -1.71
N ASP A 311 21.83 -9.24 -2.82
CA ASP A 311 22.20 -8.67 -4.12
C ASP A 311 21.26 -7.54 -4.51
N GLU A 312 19.96 -7.69 -4.23
CA GLU A 312 19.01 -6.63 -4.55
C GLU A 312 19.32 -5.37 -3.74
N TYR A 313 19.63 -5.53 -2.45
CA TYR A 313 19.90 -4.37 -1.61
C TYR A 313 21.20 -3.69 -1.98
N GLU A 314 22.21 -4.46 -2.42
CA GLU A 314 23.47 -3.86 -2.83
C GLU A 314 23.28 -3.04 -4.11
N TRP A 315 22.59 -3.59 -5.09
CA TRP A 315 22.28 -2.85 -6.32
C TRP A 315 21.47 -1.60 -6.00
N PHE A 316 20.55 -1.71 -5.04
CA PHE A 316 19.75 -0.56 -4.63
C PHE A 316 20.61 0.54 -4.02
N MET A 317 21.57 0.15 -3.16
CA MET A 317 22.42 1.15 -2.52
C MET A 317 23.37 1.80 -3.51
N LYS A 318 23.87 1.02 -4.48
CA LYS A 318 24.83 1.58 -5.43
C LYS A 318 24.17 2.59 -6.36
N VAL A 319 22.89 2.40 -6.67
CA VAL A 319 22.16 3.39 -7.45
C VAL A 319 22.04 4.69 -6.67
N ASN A 320 21.71 4.60 -5.38
CA ASN A 320 21.54 5.79 -4.56
C ASN A 320 22.83 6.58 -4.44
N GLN A 321 23.97 5.88 -4.35
CA GLN A 321 25.24 6.57 -4.21
C GLN A 321 25.65 7.26 -5.50
N ASN A 322 25.45 6.60 -6.64
CA ASN A 322 25.77 7.17 -7.94
C ASN A 322 24.66 8.08 -8.47
N ALA A 323 23.63 8.34 -7.67
CA ALA A 323 22.53 9.19 -8.12
C ALA A 323 22.91 10.66 -7.99
N TYR A 324 22.51 11.45 -8.99
CA TYR A 324 22.71 12.90 -8.90
C TYR A 324 21.67 13.54 -8.00
N GLY A 325 20.43 13.05 -8.07
CA GLY A 325 19.38 13.57 -7.23
C GLY A 325 18.16 12.69 -7.31
N PHE A 326 17.01 13.29 -7.00
CA PHE A 326 15.74 12.57 -7.05
C PHE A 326 14.70 13.48 -7.69
N ILE A 327 13.61 12.86 -8.15
CA ILE A 327 12.55 13.61 -8.85
C ILE A 327 12.04 14.75 -7.99
N GLU A 328 11.95 14.52 -6.68
CA GLU A 328 11.48 15.54 -5.75
C GLU A 328 12.30 16.83 -5.86
N ASP A 329 13.58 16.71 -6.17
CA ASP A 329 14.43 17.90 -6.30
C ASP A 329 14.15 18.68 -7.58
N PHE A 330 13.48 18.07 -8.55
CA PHE A 330 13.32 18.66 -9.88
C PHE A 330 11.89 18.99 -10.27
N ALA A 331 10.89 18.40 -9.63
CA ALA A 331 9.54 18.52 -10.17
C ALA A 331 8.51 18.27 -9.08
N HIS A 332 7.30 18.79 -9.33
CA HIS A 332 6.15 18.57 -8.47
C HIS A 332 5.41 17.32 -8.94
N VAL A 333 5.34 16.31 -8.08
CA VAL A 333 4.59 15.09 -8.37
C VAL A 333 3.23 15.26 -7.71
N LYS A 334 2.24 15.62 -8.52
CA LYS A 334 0.92 16.00 -8.01
C LYS A 334 -0.13 14.98 -8.45
N VAL A 335 -1.12 14.80 -7.59
CA VAL A 335 -2.25 13.93 -7.91
C VAL A 335 -3.28 14.72 -8.71
N GLY A 336 -4.05 14.01 -9.53
CA GLY A 336 -5.14 14.62 -10.26
C GLY A 336 -6.22 15.16 -9.32
N ILE A 337 -7.24 15.75 -9.94
CA ILE A 337 -8.34 16.33 -9.17
C ILE A 337 -9.07 15.23 -8.39
N LYS A 338 -9.42 15.52 -7.15
CA LYS A 338 -10.21 14.63 -6.31
C LYS A 338 -11.60 15.23 -6.22
N THR A 339 -12.51 14.72 -7.04
CA THR A 339 -13.82 15.33 -7.21
C THR A 339 -14.76 15.01 -6.06
N THR A 340 -14.72 13.77 -5.56
CA THR A 340 -15.63 13.21 -4.55
C THR A 340 -17.07 13.10 -5.05
N ALA A 341 -17.26 13.11 -6.37
CA ALA A 341 -18.53 12.83 -7.02
C ALA A 341 -18.28 12.61 -8.51
N ASP A 342 -17.53 11.56 -8.83
CA ASP A 342 -17.00 11.40 -10.19
C ASP A 342 -18.12 11.27 -11.22
N SER A 343 -19.20 10.57 -10.88
CA SER A 343 -20.30 10.39 -11.83
C SER A 343 -21.02 11.69 -12.14
N VAL A 344 -20.89 12.70 -11.29
CA VAL A 344 -21.57 13.98 -11.49
C VAL A 344 -20.70 14.96 -12.26
N PHE A 345 -19.42 15.07 -11.90
CA PHE A 345 -18.55 16.09 -12.48
C PHE A 345 -17.79 15.61 -13.71
N ILE A 346 -17.57 14.30 -13.86
CA ILE A 346 -16.78 13.75 -14.96
C ILE A 346 -17.69 12.87 -15.79
N ARG A 347 -17.99 13.30 -17.02
CA ARG A 347 -18.85 12.55 -17.92
C ARG A 347 -18.31 12.67 -19.35
N SER A 348 -18.87 11.85 -20.23
CA SER A 348 -18.64 11.96 -21.66
C SER A 348 -19.90 12.24 -22.45
N ASP A 349 -21.07 12.15 -21.82
CA ASP A 349 -22.37 12.36 -22.46
C ASP A 349 -22.95 13.74 -22.26
N TRP A 350 -22.09 14.75 -22.06
CA TRP A 350 -22.56 16.11 -21.87
C TRP A 350 -23.49 16.61 -22.98
N GLY A 351 -23.28 16.14 -24.21
CA GLY A 351 -24.08 16.63 -25.32
C GLY A 351 -25.50 16.12 -25.30
N GLU A 352 -25.69 14.86 -24.91
CA GLU A 352 -27.02 14.26 -24.85
C GLU A 352 -27.53 14.47 -23.42
N LEU A 353 -27.74 15.72 -23.04
CA LEU A 353 -28.35 16.12 -21.78
C LEU A 353 -29.52 17.01 -22.17
N PRO A 354 -30.42 17.31 -21.23
CA PRO A 354 -31.42 18.34 -21.48
C PRO A 354 -30.75 19.67 -21.79
N GLU A 355 -31.31 20.38 -22.79
CA GLU A 355 -30.71 21.63 -23.24
C GLU A 355 -30.61 22.65 -22.12
N GLU A 356 -31.48 22.56 -21.12
CA GLU A 356 -31.44 23.45 -19.97
C GLU A 356 -30.36 23.07 -18.96
N GLN A 357 -29.72 21.91 -19.12
CA GLN A 357 -28.73 21.43 -18.16
C GLN A 357 -27.37 21.17 -18.77
N ILE A 358 -27.18 21.42 -20.07
CA ILE A 358 -25.88 21.25 -20.72
C ILE A 358 -24.97 22.37 -20.23
N PRO A 359 -23.92 22.06 -19.45
CA PRO A 359 -23.10 23.13 -18.88
C PRO A 359 -22.41 23.96 -19.95
N GLU A 360 -22.15 25.22 -19.62
CA GLU A 360 -21.49 26.12 -20.56
C GLU A 360 -20.11 25.57 -20.93
N ASP A 361 -19.77 25.72 -22.22
CA ASP A 361 -18.54 25.14 -22.74
C ASP A 361 -17.30 25.66 -22.00
N LYS A 362 -17.39 26.83 -21.37
CA LYS A 362 -16.27 27.34 -20.59
C LYS A 362 -15.93 26.42 -19.41
N LEU A 363 -16.93 25.73 -18.87
CA LEU A 363 -16.72 24.89 -17.70
C LEU A 363 -16.37 23.45 -18.03
N LEU A 364 -16.55 23.02 -19.28
CA LEU A 364 -16.28 21.65 -19.68
C LEU A 364 -14.83 21.55 -20.16
N ARG A 365 -13.95 21.05 -19.28
CA ARG A 365 -12.56 20.89 -19.68
C ARG A 365 -12.26 19.44 -20.00
N PRO A 366 -11.53 19.17 -21.08
CA PRO A 366 -11.10 17.79 -21.37
C PRO A 366 -10.22 17.27 -20.25
N ILE A 367 -10.47 16.02 -19.86
CA ILE A 367 -9.77 15.41 -18.74
C ILE A 367 -9.28 14.03 -19.15
N ILE A 368 -8.06 13.68 -18.74
CA ILE A 368 -7.43 12.42 -19.09
C ILE A 368 -7.51 11.48 -17.90
N SER A 369 -7.95 10.24 -18.15
CA SER A 369 -8.08 9.22 -17.12
C SER A 369 -7.03 8.14 -17.32
N ALA A 370 -6.98 7.21 -16.36
CA ALA A 370 -5.96 6.18 -16.35
C ALA A 370 -6.15 5.17 -17.48
N ASP A 371 -7.38 4.97 -17.96
CA ASP A 371 -7.62 4.02 -19.03
C ASP A 371 -7.12 4.50 -20.38
N GLN A 372 -6.70 5.77 -20.49
CA GLN A 372 -6.11 6.29 -21.72
C GLN A 372 -4.59 6.31 -21.66
N ALA A 373 -3.99 5.82 -20.59
CA ALA A 373 -2.56 5.94 -20.37
C ALA A 373 -1.77 4.98 -21.25
N ASN A 374 -0.69 5.49 -21.83
CA ASN A 374 0.30 4.69 -22.57
C ASN A 374 1.67 5.28 -22.26
N LYS A 375 2.68 4.80 -22.96
CA LYS A 375 4.05 5.27 -22.78
C LYS A 375 4.33 6.43 -23.74
N TRP A 376 4.75 7.56 -23.18
CA TRP A 376 5.23 8.74 -23.91
C TRP A 376 4.11 9.48 -24.65
N SER A 377 3.13 8.76 -25.19
CA SER A 377 2.04 9.38 -25.92
C SER A 377 0.71 8.86 -25.40
N VAL A 378 -0.30 9.73 -25.43
CA VAL A 378 -1.65 9.36 -25.00
C VAL A 378 -2.39 8.74 -26.19
N SER A 379 -3.42 7.96 -25.87
CA SER A 379 -4.28 7.38 -26.93
C SER A 379 -5.33 8.42 -27.32
N GLY A 382 -8.34 12.82 -27.79
CA GLY A 382 -9.65 13.27 -27.32
C GLY A 382 -10.70 12.16 -27.38
N ASN A 383 -11.51 12.03 -26.32
CA ASN A 383 -12.50 10.96 -26.27
C ASN A 383 -13.80 11.46 -25.66
N ASN A 384 -14.10 12.74 -25.85
CA ASN A 384 -15.35 13.37 -25.43
C ASN A 384 -15.50 13.40 -23.91
N LYS A 385 -14.47 13.00 -23.16
CA LYS A 385 -14.58 12.96 -21.71
C LYS A 385 -14.14 14.33 -21.19
N LYS A 386 -15.08 15.04 -20.55
CA LYS A 386 -14.82 16.36 -20.00
C LYS A 386 -15.32 16.42 -18.57
N VAL A 387 -14.69 17.30 -17.78
CA VAL A 387 -15.06 17.52 -16.38
C VAL A 387 -15.71 18.89 -16.26
N LEU A 388 -16.71 18.98 -15.40
CA LEU A 388 -17.34 20.26 -15.07
C LEU A 388 -16.48 20.95 -14.02
N TYR A 389 -15.59 21.84 -14.47
CA TYR A 389 -14.64 22.48 -13.58
C TYR A 389 -15.31 23.66 -12.87
N THR A 390 -15.36 23.60 -11.54
CA THR A 390 -16.11 24.55 -10.74
C THR A 390 -15.23 25.64 -10.11
N HIS A 391 -13.98 25.77 -10.55
CA HIS A 391 -13.08 26.75 -9.98
C HIS A 391 -12.42 27.56 -11.09
N GLU A 392 -11.97 28.76 -10.72
CA GLU A 392 -11.38 29.69 -11.69
C GLU A 392 -10.49 30.65 -10.93
N ILE A 393 -9.76 31.46 -11.69
CA ILE A 393 -8.90 32.51 -11.14
C ILE A 393 -9.64 33.83 -11.28
N ARG A 394 -10.07 34.40 -10.15
CA ARG A 394 -10.73 35.70 -10.19
C ARG A 394 -9.71 36.83 -10.02
N ASP A 395 -9.69 37.45 -8.84
CA ASP A 395 -8.80 38.58 -8.58
C ASP A 395 -7.46 38.05 -8.07
N GLY A 396 -6.74 37.40 -8.98
CA GLY A 396 -5.47 36.78 -8.63
C GLY A 396 -5.56 35.66 -7.61
N GLN A 397 -6.75 35.14 -7.35
CA GLN A 397 -6.96 34.10 -6.36
C GLN A 397 -7.77 32.95 -6.96
N ILE A 398 -7.64 31.78 -6.34
CA ILE A 398 -8.41 30.61 -6.75
C ILE A 398 -9.73 30.65 -6.00
N LYS A 399 -10.83 30.83 -6.74
CA LYS A 399 -12.16 30.89 -6.16
C LYS A 399 -13.10 29.97 -6.93
N ALA A 400 -14.15 29.54 -6.25
CA ALA A 400 -15.19 28.75 -6.91
C ALA A 400 -16.03 29.66 -7.82
N ILE A 401 -16.61 29.03 -8.85
CA ILE A 401 -17.42 29.80 -9.79
C ILE A 401 -18.74 30.23 -9.12
N ASN A 402 -19.37 31.24 -9.70
CA ASN A 402 -20.68 31.69 -9.28
C ASN A 402 -21.74 31.00 -10.12
N LEU A 403 -22.67 30.31 -9.45
CA LEU A 403 -23.69 29.56 -10.19
C LEU A 403 -24.68 30.47 -10.90
N GLU A 404 -24.91 31.67 -10.37
CA GLU A 404 -25.78 32.63 -11.05
C GLU A 404 -25.20 33.09 -12.38
N GLU A 405 -23.89 32.92 -12.57
CA GLU A 405 -23.23 33.34 -13.81
C GLU A 405 -23.31 32.28 -14.90
N PHE A 406 -23.53 31.02 -14.54
CA PHE A 406 -23.64 29.92 -15.49
C PHE A 406 -24.99 29.24 -15.27
N PRO A 407 -26.04 29.69 -15.96
CA PRO A 407 -27.39 29.16 -15.66
C PRO A 407 -27.56 27.70 -16.00
N ARG A 408 -27.07 27.26 -17.17
CA ARG A 408 -27.24 25.87 -17.56
C ARG A 408 -26.44 24.93 -16.65
N ALA A 409 -25.26 25.36 -16.22
CA ALA A 409 -24.49 24.56 -15.28
C ALA A 409 -25.09 24.61 -13.88
N LYS A 410 -25.81 25.69 -13.56
CA LYS A 410 -26.47 25.79 -12.26
C LYS A 410 -27.56 24.74 -12.13
N ASN A 411 -28.49 24.71 -13.09
CA ASN A 411 -29.62 23.78 -13.02
C ASN A 411 -29.15 22.33 -13.02
N TYR A 412 -28.03 22.04 -13.67
CA TYR A 412 -27.51 20.67 -13.66
C TYR A 412 -27.03 20.27 -12.27
N LEU A 413 -26.29 21.16 -11.60
CA LEU A 413 -25.84 20.86 -10.25
C LEU A 413 -26.96 20.93 -9.22
N GLU A 414 -28.03 21.67 -9.52
CA GLU A 414 -29.21 21.64 -8.66
C GLU A 414 -29.82 20.24 -8.60
N SER A 415 -29.67 19.46 -9.66
CA SER A 415 -30.25 18.13 -9.71
C SER A 415 -29.62 17.22 -8.66
N HIS A 416 -28.28 17.19 -8.60
CA HIS A 416 -27.56 16.33 -7.68
C HIS A 416 -27.22 17.03 -6.37
N LYS A 417 -27.98 18.05 -5.97
CA LYS A 417 -27.67 18.79 -4.77
C LYS A 417 -27.72 17.90 -3.53
N GLU A 418 -28.63 16.93 -3.50
CA GLU A 418 -28.72 16.02 -2.35
C GLU A 418 -27.41 15.29 -2.13
N ARG A 419 -26.86 14.68 -3.19
CA ARG A 419 -25.60 13.95 -3.05
C ARG A 419 -24.43 14.90 -2.80
N LEU A 420 -24.47 16.08 -3.43
CA LEU A 420 -23.34 17.01 -3.28
C LEU A 420 -23.34 17.67 -1.91
N ALA A 421 -24.51 18.05 -1.40
CA ALA A 421 -24.60 18.70 -0.11
C ALA A 421 -24.47 17.73 1.06
N SER A 422 -24.58 16.43 0.81
CA SER A 422 -24.42 15.44 1.88
C SER A 422 -22.96 15.21 2.23
N ARG A 423 -22.02 15.70 1.43
CA ARG A 423 -20.60 15.61 1.75
C ARG A 423 -20.38 16.57 2.92
N LYS A 424 -20.16 16.01 4.10
CA LYS A 424 -20.11 16.82 5.32
C LYS A 424 -18.80 17.61 5.33
N TYR A 425 -17.71 17.00 4.85
CA TYR A 425 -16.41 17.66 4.89
C TYR A 425 -16.38 18.91 4.02
N VAL A 426 -17.20 18.96 2.97
CA VAL A 426 -17.22 20.13 2.09
C VAL A 426 -17.74 21.34 2.84
N LEU A 427 -18.86 21.18 3.57
CA LEU A 427 -19.45 22.29 4.28
C LEU A 427 -18.68 22.66 5.55
N LYS A 428 -17.92 21.72 6.12
CA LYS A 428 -17.15 22.02 7.33
C LYS A 428 -16.03 23.00 7.04
N ALA A 429 -15.49 23.00 5.82
CA ALA A 429 -14.43 23.92 5.42
C ALA A 429 -14.97 25.24 4.90
N ASN A 430 -16.26 25.51 5.09
CA ASN A 430 -16.93 26.69 4.54
C ASN A 430 -16.68 26.81 3.04
N ARG A 431 -17.07 25.75 2.33
CA ARG A 431 -16.98 25.71 0.88
C ARG A 431 -18.34 25.35 0.32
N ASN A 432 -18.58 25.75 -0.92
CA ASN A 432 -19.89 25.60 -1.52
C ASN A 432 -20.19 24.14 -1.83
N TRP A 433 -21.47 23.78 -1.73
CA TRP A 433 -21.90 22.39 -1.90
C TRP A 433 -21.63 21.85 -3.29
N TYR A 434 -21.49 22.72 -4.29
CA TYR A 434 -21.37 22.30 -5.68
C TYR A 434 -19.91 22.19 -6.15
N GLU A 435 -18.95 22.33 -5.25
CA GLU A 435 -17.55 22.43 -5.64
C GLU A 435 -16.90 21.06 -5.82
N ILE A 436 -15.92 21.00 -6.70
CA ILE A 436 -14.98 19.89 -6.73
C ILE A 436 -14.12 19.97 -5.47
N TRP A 437 -13.98 18.85 -4.76
CA TRP A 437 -13.33 18.87 -3.45
C TRP A 437 -11.88 19.32 -3.56
N VAL A 438 -11.12 18.71 -4.46
CA VAL A 438 -9.73 19.11 -4.69
C VAL A 438 -9.58 19.53 -6.14
N PRO A 439 -9.82 20.80 -6.47
CA PRO A 439 -9.67 21.25 -7.86
C PRO A 439 -8.24 21.61 -8.25
N HIS A 440 -7.32 21.71 -7.29
CA HIS A 440 -5.94 22.13 -7.52
C HIS A 440 -5.96 23.55 -8.09
N ASP A 441 -4.91 23.91 -8.83
CA ASP A 441 -4.77 25.26 -9.36
C ASP A 441 -5.24 25.30 -10.80
N PRO A 442 -6.31 26.04 -11.12
CA PRO A 442 -6.81 26.03 -12.51
C PRO A 442 -5.83 26.61 -13.52
N SER A 443 -4.80 27.33 -13.07
CA SER A 443 -3.82 27.91 -13.97
C SER A 443 -2.68 26.97 -14.30
N LEU A 444 -2.55 25.85 -13.59
CA LEU A 444 -1.44 24.93 -13.81
C LEU A 444 -1.71 23.89 -14.89
N TRP A 445 -2.97 23.72 -15.32
CA TRP A 445 -3.26 22.73 -16.34
C TRP A 445 -2.66 23.09 -17.70
N ASP A 446 -2.39 24.37 -17.93
CA ASP A 446 -1.89 24.80 -19.24
C ASP A 446 -0.45 24.37 -19.47
N LYS A 447 0.35 24.26 -18.41
CA LYS A 447 1.75 23.91 -18.55
C LYS A 447 1.90 22.49 -19.09
N PRO A 448 2.96 22.22 -19.84
CA PRO A 448 3.26 20.83 -20.21
C PRO A 448 3.56 19.98 -18.98
N LYS A 449 3.24 18.70 -19.09
CA LYS A 449 3.30 17.83 -17.91
C LYS A 449 3.47 16.38 -18.33
N ILE A 450 3.95 15.59 -17.39
CA ILE A 450 3.94 14.13 -17.50
C ILE A 450 2.71 13.62 -16.74
N ILE A 451 2.00 12.68 -17.34
CA ILE A 451 0.86 12.03 -16.69
C ILE A 451 1.15 10.54 -16.61
N PHE A 452 0.71 9.91 -15.53
CA PHE A 452 0.86 8.48 -15.38
C PHE A 452 -0.24 7.95 -14.47
N PRO A 453 -0.66 6.70 -14.64
CA PRO A 453 -1.68 6.13 -13.77
C PRO A 453 -1.10 5.64 -12.45
N ASP A 454 -1.93 5.71 -11.41
CA ASP A 454 -1.54 5.23 -10.09
C ASP A 454 -1.45 3.70 -10.10
N THR A 455 -2.58 3.03 -10.29
CA THR A 455 -2.67 1.58 -10.20
C THR A 455 -2.32 0.98 -11.56
N SER A 456 -1.13 0.40 -11.67
CA SER A 456 -0.67 -0.11 -12.96
C SER A 456 0.41 -1.16 -12.76
N PRO A 457 0.44 -2.23 -13.56
CA PRO A 457 1.53 -3.20 -13.45
C PRO A 457 2.80 -2.77 -14.18
N GLU A 458 2.71 -1.78 -15.06
CA GLU A 458 3.84 -1.28 -15.81
C GLU A 458 3.81 0.25 -15.79
N PRO A 459 4.98 0.89 -15.80
CA PRO A 459 5.00 2.36 -15.84
C PRO A 459 4.47 2.87 -17.17
N LYS A 460 3.51 3.79 -17.11
CA LYS A 460 2.88 4.38 -18.28
C LYS A 460 2.96 5.88 -17.99
N PHE A 461 4.12 6.46 -18.29
CA PHE A 461 4.36 7.89 -18.10
C PHE A 461 4.42 8.52 -19.49
N PHE A 462 3.52 9.46 -19.76
CA PHE A 462 3.48 10.10 -21.07
C PHE A 462 3.42 11.62 -20.99
N TYR A 463 3.93 12.26 -22.04
CA TYR A 463 4.00 13.71 -22.15
C TYR A 463 2.68 14.27 -22.68
N GLU A 464 2.31 15.44 -22.18
CA GLU A 464 1.05 16.07 -22.57
C GLU A 464 1.21 17.57 -22.50
N ASP A 465 0.91 18.26 -23.61
CA ASP A 465 1.07 19.71 -23.68
C ASP A 465 -0.18 20.40 -24.22
N LYS A 466 -1.34 19.76 -24.15
CA LYS A 466 -2.57 20.34 -24.67
C LYS A 466 -3.42 21.01 -23.60
N GLY A 467 -3.00 20.96 -22.33
CA GLY A 467 -3.69 21.71 -21.29
C GLY A 467 -4.91 21.03 -20.70
N SER A 468 -4.95 19.70 -20.70
CA SER A 468 -6.12 19.00 -20.19
C SER A 468 -5.98 18.72 -18.70
N VAL A 469 -7.12 18.50 -18.05
CA VAL A 469 -7.16 18.19 -16.62
C VAL A 469 -6.79 16.72 -16.41
N VAL A 470 -6.30 16.41 -15.22
CA VAL A 470 -5.85 15.06 -14.87
C VAL A 470 -6.83 14.48 -13.86
N ASP A 471 -7.37 13.30 -14.18
CA ASP A 471 -8.33 12.64 -13.31
C ASP A 471 -7.64 12.11 -12.05
N GLY A 472 -8.45 11.84 -11.02
CA GLY A 472 -7.93 11.46 -9.72
C GLY A 472 -7.25 10.11 -9.68
N ASN A 473 -7.49 9.25 -10.67
CA ASN A 473 -6.78 7.99 -10.75
C ASN A 473 -5.41 8.13 -11.40
N CYS A 474 -5.00 9.35 -11.74
CA CYS A 474 -3.69 9.62 -12.31
C CYS A 474 -2.96 10.65 -11.45
N TYR A 475 -1.64 10.64 -11.57
CA TYR A 475 -0.78 11.68 -11.05
C TYR A 475 -0.13 12.42 -12.22
N TRP A 476 0.41 13.60 -11.94
CA TRP A 476 1.01 14.40 -12.99
C TRP A 476 2.23 15.16 -12.47
N ILE A 477 3.17 15.41 -13.37
CA ILE A 477 4.49 15.94 -13.04
C ILE A 477 4.70 17.24 -13.81
N ILE A 478 4.98 18.32 -13.09
CA ILE A 478 5.39 19.58 -13.72
C ILE A 478 6.74 19.98 -13.12
N PRO A 479 7.62 20.62 -13.89
CA PRO A 479 8.95 20.93 -13.36
C PRO A 479 8.90 22.02 -12.31
N LYS A 480 9.74 21.88 -11.28
CA LYS A 480 9.91 22.96 -10.32
C LYS A 480 10.61 24.15 -10.96
N LYS A 481 11.64 23.88 -11.76
CA LYS A 481 12.21 24.90 -12.62
C LYS A 481 11.21 25.27 -13.71
N GLU A 482 11.05 26.57 -13.95
CA GLU A 482 10.08 27.06 -14.92
C GLU A 482 10.52 26.83 -16.37
N ASN A 483 11.20 25.71 -16.64
CA ASN A 483 11.62 25.34 -18.00
C ASN A 483 11.36 23.85 -18.17
N SER A 484 10.21 23.51 -18.75
CA SER A 484 9.85 22.11 -18.96
C SER A 484 10.73 21.42 -19.98
N ASN A 485 11.52 22.18 -20.75
CA ASN A 485 12.39 21.58 -21.75
C ASN A 485 13.39 20.64 -21.09
N ASP A 486 13.55 19.45 -21.70
CA ASP A 486 14.58 18.49 -21.34
C ASP A 486 14.32 17.79 -20.00
N ILE A 487 13.92 18.54 -18.97
CA ILE A 487 13.87 17.95 -17.63
C ILE A 487 12.76 16.93 -17.52
N LEU A 488 11.57 17.24 -18.04
CA LEU A 488 10.49 16.26 -18.03
C LEU A 488 10.80 15.06 -18.90
N PHE A 489 11.53 15.27 -20.01
CA PHE A 489 11.86 14.17 -20.89
C PHE A 489 12.86 13.21 -20.26
N LEU A 490 13.79 13.73 -19.46
CA LEU A 490 14.70 12.85 -18.73
C LEU A 490 13.96 12.06 -17.66
N ILE A 491 13.05 12.73 -16.93
CA ILE A 491 12.27 12.04 -15.91
C ILE A 491 11.41 10.95 -16.54
N MET A 492 10.83 11.23 -17.70
CA MET A 492 9.94 10.27 -18.35
C MET A 492 10.71 9.02 -18.79
N GLY A 493 11.90 9.20 -19.37
CA GLY A 493 12.70 8.05 -19.76
C GLY A 493 13.13 7.21 -18.58
N ILE A 494 13.39 7.85 -17.43
CA ILE A 494 13.75 7.11 -16.23
C ILE A 494 12.54 6.34 -15.70
N CYS A 495 11.39 7.00 -15.63
CA CYS A 495 10.21 6.40 -15.00
C CYS A 495 9.66 5.21 -15.78
N ASN A 496 9.73 5.26 -17.11
CA ASN A 496 9.22 4.17 -17.93
C ASN A 496 10.17 2.98 -18.02
N SER A 497 11.39 3.12 -17.53
CA SER A 497 12.41 2.11 -17.77
C SER A 497 12.23 0.88 -16.89
N LYS A 498 12.65 -0.26 -17.42
CA LYS A 498 12.78 -1.47 -16.61
C LYS A 498 13.81 -1.30 -15.50
N PHE A 499 14.77 -0.40 -15.69
CA PHE A 499 15.71 -0.06 -14.63
C PHE A 499 14.96 0.44 -13.40
N MET A 500 14.06 1.41 -13.59
CA MET A 500 13.32 2.00 -12.48
C MET A 500 12.22 1.07 -11.97
N SER A 501 11.72 0.16 -12.80
CA SER A 501 10.79 -0.86 -12.29
C SER A 501 11.50 -1.81 -11.35
N LYS A 502 12.76 -2.15 -11.65
CA LYS A 502 13.55 -2.94 -10.72
C LYS A 502 13.84 -2.17 -9.44
N TYR A 503 14.16 -0.88 -9.57
CA TYR A 503 14.37 -0.05 -8.39
C TYR A 503 13.09 0.06 -7.57
N HIS A 504 11.94 0.14 -8.24
CA HIS A 504 10.67 0.30 -7.54
C HIS A 504 10.32 -0.95 -6.74
N ASP A 505 10.45 -2.13 -7.36
CA ASP A 505 10.08 -3.37 -6.69
C ASP A 505 10.96 -3.66 -5.47
N ILE A 506 12.12 -3.02 -5.38
CA ILE A 506 12.98 -3.16 -4.21
C ILE A 506 12.64 -2.12 -3.15
N ALA A 507 12.51 -0.87 -3.57
CA ALA A 507 12.41 0.22 -2.60
C ALA A 507 10.98 0.48 -2.12
N PHE A 508 9.99 0.26 -2.98
CA PHE A 508 8.59 0.58 -2.68
C PHE A 508 7.76 -0.66 -2.99
N GLN A 509 7.59 -1.51 -1.98
CA GLN A 509 6.99 -2.84 -2.15
C GLN A 509 5.49 -2.93 -1.98
N ASN A 510 4.79 -1.80 -2.11
CA ASN A 510 3.33 -1.75 -2.03
C ASN A 510 2.64 -2.25 -3.29
N LYS A 511 2.08 -3.46 -3.22
CA LYS A 511 1.44 -4.10 -4.35
C LYS A 511 -0.02 -4.41 -4.04
N LEU A 512 -0.89 -4.18 -5.02
CA LEU A 512 -2.24 -4.72 -4.98
C LEU A 512 -2.23 -6.10 -5.64
N TYR A 513 -3.40 -6.70 -5.84
CA TYR A 513 -3.46 -7.97 -6.56
C TYR A 513 -3.05 -7.78 -8.02
N ALA A 514 -2.64 -8.89 -8.63
CA ALA A 514 -2.30 -8.97 -10.05
C ALA A 514 -1.07 -8.13 -10.39
N GLY A 515 -0.13 -8.00 -9.46
CA GLY A 515 1.11 -7.30 -9.72
C GLY A 515 1.00 -5.82 -9.99
N ARG A 516 0.01 -5.16 -9.41
CA ARG A 516 -0.22 -3.74 -9.63
C ARG A 516 0.59 -2.91 -8.65
N ARG A 517 1.53 -2.12 -9.17
CA ARG A 517 2.29 -1.20 -8.34
C ARG A 517 1.43 0.02 -8.00
N ARG A 518 1.91 0.79 -7.02
CA ARG A 518 1.27 2.04 -6.62
C ARG A 518 2.22 3.18 -6.96
N TYR A 519 1.95 3.87 -8.07
CA TYR A 519 2.75 5.02 -8.48
C TYR A 519 2.17 6.26 -7.80
N LEU A 520 2.61 6.46 -6.55
CA LEU A 520 2.13 7.54 -5.70
C LEU A 520 3.21 8.59 -5.52
N THR A 521 2.79 9.78 -5.08
CA THR A 521 3.72 10.88 -4.87
C THR A 521 4.84 10.48 -3.91
N GLN A 522 4.51 9.77 -2.83
CA GLN A 522 5.49 9.41 -1.82
C GLN A 522 6.55 8.44 -2.35
N TYR A 523 6.28 7.76 -3.45
CA TYR A 523 7.24 6.84 -4.06
C TYR A 523 7.98 7.47 -5.23
N VAL A 524 7.26 8.13 -6.13
CA VAL A 524 7.88 8.70 -7.33
C VAL A 524 8.78 9.87 -6.96
N ASN A 525 8.48 10.57 -5.86
CA ASN A 525 9.39 11.60 -5.36
C ASN A 525 10.79 11.03 -5.10
N LYS A 526 10.88 9.75 -4.74
CA LYS A 526 12.14 9.14 -4.36
C LYS A 526 12.81 8.40 -5.51
N TYR A 527 12.33 8.57 -6.74
CA TYR A 527 13.02 8.00 -7.89
C TYR A 527 14.36 8.70 -8.09
N PRO A 528 15.46 7.98 -8.17
CA PRO A 528 16.74 8.64 -8.46
C PRO A 528 16.81 9.16 -9.89
N ILE A 529 17.59 10.21 -10.06
CA ILE A 529 17.76 10.86 -11.37
C ILE A 529 19.24 11.13 -11.60
N PRO A 530 19.79 10.78 -12.75
CA PRO A 530 21.20 11.06 -13.04
C PRO A 530 21.41 12.53 -13.38
N ASP A 531 22.68 12.89 -13.56
CA ASP A 531 23.06 14.26 -13.89
C ASP A 531 22.48 14.63 -15.25
N PRO A 532 21.55 15.60 -15.30
CA PRO A 532 20.95 15.98 -16.59
C PRO A 532 21.92 16.66 -17.54
N GLU A 533 23.11 17.03 -17.09
CA GLU A 533 24.14 17.58 -17.97
C GLU A 533 25.10 16.49 -18.47
N SER A 534 24.96 15.26 -18.01
CA SER A 534 25.75 14.16 -18.53
C SER A 534 25.41 13.91 -20.00
N ILE A 535 26.42 13.44 -20.74
CA ILE A 535 26.21 13.15 -22.17
C ILE A 535 25.24 11.98 -22.33
N TYR A 536 25.25 11.04 -21.38
CA TYR A 536 24.29 9.94 -21.43
C TYR A 536 22.87 10.44 -21.19
N SER A 537 22.72 11.38 -20.25
CA SER A 537 21.39 11.93 -19.97
C SER A 537 20.88 12.76 -21.15
N LYS A 538 21.78 13.49 -21.82
CA LYS A 538 21.34 14.32 -22.94
C LYS A 538 20.89 13.48 -24.12
N GLU A 539 21.47 12.29 -24.31
CA GLU A 539 21.00 11.43 -25.38
C GLU A 539 19.68 10.75 -25.03
N ILE A 540 19.47 10.45 -23.74
CA ILE A 540 18.16 9.97 -23.30
C ILE A 540 17.09 10.99 -23.64
N ILE A 541 17.36 12.26 -23.35
CA ILE A 541 16.39 13.32 -23.60
C ILE A 541 16.05 13.42 -25.08
N SER A 542 17.07 13.32 -25.94
CA SER A 542 16.80 13.39 -27.37
C SER A 542 16.06 12.14 -27.86
N LEU A 543 16.42 10.97 -27.31
CA LEU A 543 15.71 9.75 -27.68
C LEU A 543 14.25 9.80 -27.20
N VAL A 544 14.02 10.27 -25.97
CA VAL A 544 12.66 10.40 -25.47
C VAL A 544 11.89 11.43 -26.28
N ARG A 545 12.56 12.51 -26.69
CA ARG A 545 11.92 13.52 -27.51
C ARG A 545 11.45 12.96 -28.83
N GLU A 546 12.18 11.99 -29.39
CA GLU A 546 11.72 11.32 -30.61
C GLU A 546 10.45 10.52 -30.36
N LEU A 547 10.40 9.80 -29.25
CA LEU A 547 9.23 8.98 -28.93
C LEU A 547 8.00 9.81 -28.60
N VAL A 548 8.16 11.11 -28.37
CA VAL A 548 7.05 11.98 -27.99
C VAL A 548 6.66 12.83 -29.19
N ASN A 549 7.62 13.60 -29.72
CA ASN A 549 7.33 14.52 -30.82
C ASN A 549 6.94 13.76 -32.09
N ASN A 550 7.80 12.87 -32.55
CA ASN A 550 7.49 12.10 -33.76
C ASN A 550 6.29 11.21 -33.50
N GLU A 553 5.77 6.08 -34.66
CA GLU A 553 6.87 5.16 -34.91
C GLU A 553 6.32 3.74 -34.90
N THR A 554 6.97 2.87 -35.66
CA THR A 554 6.57 1.47 -35.72
C THR A 554 7.11 0.71 -34.51
N GLN A 555 7.34 -0.59 -34.67
CA GLN A 555 7.88 -1.41 -33.59
C GLN A 555 9.36 -1.19 -33.33
N ASP A 556 9.97 -0.19 -33.96
CA ASP A 556 11.31 0.23 -33.61
C ASP A 556 11.35 1.05 -32.33
N ILE A 557 10.19 1.29 -31.70
CA ILE A 557 10.18 1.96 -30.40
C ILE A 557 10.99 1.16 -29.39
N ASN A 558 10.89 -0.16 -29.43
CA ASN A 558 11.67 -1.01 -28.52
C ASN A 558 13.16 -0.86 -28.81
N GLU A 559 13.53 -0.59 -30.06
CA GLU A 559 14.94 -0.33 -30.36
C GLU A 559 15.45 0.89 -29.61
N ILE A 560 14.66 1.95 -29.56
CA ILE A 560 15.03 3.13 -28.77
C ILE A 560 14.92 2.82 -27.28
N GLU A 561 13.88 2.07 -26.89
CA GLU A 561 13.71 1.71 -25.48
C GLU A 561 14.94 0.98 -24.94
N ASN A 562 15.37 -0.07 -25.64
CA ASN A 562 16.57 -0.80 -25.23
C ASN A 562 17.78 0.11 -25.22
N ARG A 563 17.85 1.08 -26.13
CA ARG A 563 18.95 2.04 -26.13
C ARG A 563 18.92 2.91 -24.88
N ILE A 564 17.73 3.27 -24.41
CA ILE A 564 17.62 4.07 -23.19
C ILE A 564 18.07 3.25 -21.98
N GLU A 565 17.75 1.95 -21.96
CA GLU A 565 18.17 1.10 -20.85
C GLU A 565 19.68 1.08 -20.71
N LYS A 566 20.40 0.93 -21.82
CA LYS A 566 21.86 0.97 -21.77
C LYS A 566 22.36 2.35 -21.36
N LEU A 567 21.72 3.40 -21.87
CA LEU A 567 22.12 4.76 -21.52
C LEU A 567 21.88 5.03 -20.05
N ILE A 568 20.77 4.53 -19.49
CA ILE A 568 20.50 4.72 -18.07
C ILE A 568 21.54 4.00 -17.22
N LEU A 569 21.91 2.78 -17.61
CA LEU A 569 22.95 2.06 -16.87
C LEU A 569 24.26 2.83 -16.89
N ARG A 570 24.62 3.40 -18.04
CA ARG A 570 25.82 4.22 -18.11
C ARG A 570 25.68 5.50 -17.31
N ALA A 571 24.47 6.06 -17.24
CA ALA A 571 24.26 7.28 -16.48
C ALA A 571 24.41 7.05 -14.99
N PHE A 572 24.04 5.86 -14.51
CA PHE A 572 24.19 5.50 -13.11
C PHE A 572 25.45 4.69 -12.83
N ASP A 573 26.25 4.40 -13.86
CA ASP A 573 27.54 3.72 -13.71
C ASP A 573 27.38 2.32 -13.12
N ILE A 574 26.45 1.55 -13.70
CA ILE A 574 26.25 0.15 -13.32
C ILE A 574 26.04 -0.67 -14.59
N GLU A 575 25.51 -1.88 -14.44
CA GLU A 575 25.30 -2.76 -15.57
C GLU A 575 24.25 -3.84 -15.29
N SER A 576 23.24 -3.51 -14.49
CA SER A 576 22.18 -4.47 -14.18
C SER A 576 20.92 -3.74 -13.72
#